data_5XNY
#
_entry.id   5XNY
#
_cell.length_a   76.810
_cell.length_b   98.220
_cell.length_c   124.510
_cell.angle_alpha   90.00
_cell.angle_beta   90.00
_cell.angle_gamma   90.00
#
_symmetry.space_group_name_H-M   'I 2 2 2'
#
loop_
_entity.id
_entity.type
_entity.pdbx_description
1 polymer CreD
2 water water
#
_entity_poly.entity_id   1
_entity_poly.type   'polypeptide(L)'
_entity_poly.pdbx_seq_one_letter_code
;HMPLRRPAHRGDGMTRPPAPPPGAPGADELLDCGLLSPVRAGTPVEALVCDSAWLQAMLDAEAALTRAQARTGFLPAAAA
EAITAAARADRIDLLAVARGARETANPVVGLVAALTAAVRRDDPAAAEYVHRGSTSQDVLDTGAMLVARRALRLIGDDLD
RAADALAALAADHRDTPMAGRTLALHAVPTTFGLKAAGWLELVSEAAGRVARLRDGLPFSLGGAAGTLAGYFGDRTDRGD
PAVLLDRLLDAYAAETGLARPVLPWHVLRTPVADLAAVLAFTAGALGKIAVDVQSLARTEVAEVAEPAVEGRGASSAMPH
KRNPVLSTLIRSAALQVPALATGLTQCLVSEDERSAGAWHAEWQPLRECLRLTGGAARTAVELAAGLEVDAARMRANLDL
TDGRIVSESVAVALTPLLGRQAAKELLTRAAFTAGHEGRTLGEVLGELPELDGVLPKERWEALLDPARATGVAGALVDGA
LARRRPPAR
;
_entity_poly.pdbx_strand_id   A
#
# COMPACT_ATOMS: atom_id res chain seq x y z
N ASP A 28 16.24 0.49 -27.99
CA ASP A 28 17.34 1.36 -27.61
C ASP A 28 17.60 1.27 -26.11
N GLU A 29 18.70 1.88 -25.67
CA GLU A 29 19.14 1.73 -24.31
C GLU A 29 18.40 2.63 -23.33
N LEU A 30 17.44 3.43 -23.77
CA LEU A 30 16.74 4.31 -22.85
C LEU A 30 15.40 3.77 -22.40
N LEU A 31 14.95 2.64 -22.92
CA LEU A 31 13.60 2.15 -22.65
C LEU A 31 13.54 1.45 -21.29
N ASP A 32 12.66 1.93 -20.42
CA ASP A 32 12.20 1.18 -19.26
C ASP A 32 10.81 0.66 -19.60
N CYS A 33 10.72 -0.64 -19.85
CA CYS A 33 9.47 -1.30 -20.20
C CYS A 33 8.90 -2.11 -19.05
N GLY A 34 9.55 -2.11 -17.89
CA GLY A 34 9.17 -2.99 -16.80
C GLY A 34 9.60 -4.43 -16.98
N LEU A 35 10.64 -4.67 -17.78
CA LEU A 35 11.07 -6.03 -18.07
C LEU A 35 11.45 -6.79 -16.80
N LEU A 36 12.01 -6.11 -15.81
CA LEU A 36 12.46 -6.71 -14.57
C LEU A 36 11.42 -6.60 -13.45
N SER A 37 10.27 -6.00 -13.71
CA SER A 37 9.29 -5.72 -12.65
C SER A 37 7.88 -5.95 -13.20
N PRO A 38 7.51 -7.22 -13.45
CA PRO A 38 6.18 -7.50 -14.00
C PRO A 38 5.04 -7.06 -13.10
N VAL A 39 5.27 -6.82 -11.81
CA VAL A 39 4.16 -6.45 -10.94
C VAL A 39 3.59 -5.09 -11.35
N ARG A 40 4.38 -4.23 -12.01
CA ARG A 40 3.90 -2.93 -12.45
C ARG A 40 3.94 -2.71 -13.96
N ALA A 41 4.53 -3.63 -14.73
CA ALA A 41 4.60 -3.48 -16.19
C ALA A 41 3.19 -3.50 -16.78
N GLY A 42 2.87 -2.47 -17.56
CA GLY A 42 1.55 -2.38 -18.14
C GLY A 42 0.47 -1.87 -17.21
N THR A 43 0.83 -1.36 -16.04
CA THR A 43 -0.19 -0.84 -15.13
C THR A 43 -0.21 0.67 -15.21
N PRO A 44 -1.34 1.30 -14.89
CA PRO A 44 -1.44 2.77 -15.01
C PRO A 44 -0.38 3.54 -14.24
N VAL A 45 0.08 3.07 -13.07
CA VAL A 45 0.98 3.89 -12.26
C VAL A 45 2.26 4.21 -13.00
N GLU A 46 2.71 3.31 -13.89
CA GLU A 46 3.91 3.56 -14.67
C GLU A 46 3.88 4.94 -15.31
N ALA A 47 2.76 5.27 -15.96
CA ALA A 47 2.69 6.50 -16.72
C ALA A 47 2.75 7.71 -15.80
N LEU A 48 2.29 7.56 -14.55
CA LEU A 48 2.33 8.64 -13.58
C LEU A 48 3.71 8.86 -12.98
N VAL A 49 4.62 7.89 -13.03
CA VAL A 49 5.84 8.07 -12.24
C VAL A 49 7.08 7.84 -13.09
N CYS A 50 6.90 7.80 -14.41
CA CYS A 50 8.06 7.72 -15.29
C CYS A 50 8.82 9.07 -15.27
N ASP A 51 10.00 9.05 -15.91
CA ASP A 51 10.87 10.23 -15.92
C ASP A 51 10.17 11.43 -16.55
N SER A 52 9.43 11.21 -17.64
CA SER A 52 8.75 12.32 -18.31
C SER A 52 7.68 12.92 -17.41
N ALA A 53 7.00 12.08 -16.62
CA ALA A 53 5.99 12.57 -15.69
C ALA A 53 6.60 13.41 -14.57
N TRP A 54 7.83 13.09 -14.15
CA TRP A 54 8.50 13.89 -13.13
C TRP A 54 9.00 15.21 -13.71
N LEU A 55 9.55 15.16 -14.94
CA LEU A 55 9.87 16.40 -15.65
C LEU A 55 8.64 17.30 -15.73
N GLN A 56 7.49 16.72 -16.10
CA GLN A 56 6.27 17.49 -16.18
C GLN A 56 5.87 18.03 -14.82
N ALA A 57 6.07 17.24 -13.76
CA ALA A 57 5.71 17.72 -12.43
C ALA A 57 6.56 18.92 -12.02
N MET A 58 7.86 18.88 -12.33
CA MET A 58 8.72 20.01 -12.02
C MET A 58 8.34 21.24 -12.84
N LEU A 59 7.95 21.04 -14.12
CA LEU A 59 7.44 22.17 -14.91
C LEU A 59 6.15 22.71 -14.32
N ASP A 60 5.27 21.82 -13.83
CA ASP A 60 4.05 22.25 -13.15
C ASP A 60 4.37 23.09 -11.93
N ALA A 61 5.42 22.71 -11.19
CA ALA A 61 5.78 23.46 -9.98
C ALA A 61 6.32 24.84 -10.34
N GLU A 62 7.16 24.93 -11.38
CA GLU A 62 7.63 26.23 -11.86
C GLU A 62 6.46 27.14 -12.25
N ALA A 63 5.57 26.63 -13.13
CA ALA A 63 4.49 27.47 -13.64
C ALA A 63 3.54 27.88 -12.52
N ALA A 64 3.26 26.96 -11.59
CA ALA A 64 2.46 27.32 -10.43
C ALA A 64 3.14 28.41 -9.60
N LEU A 65 4.47 28.36 -9.53
CA LEU A 65 5.19 29.39 -8.80
C LEU A 65 5.01 30.75 -9.46
N THR A 66 5.18 30.81 -10.78
CA THR A 66 4.99 32.07 -11.50
C THR A 66 3.56 32.57 -11.31
N ARG A 67 2.57 31.70 -11.50
CA ARG A 67 1.18 32.12 -11.37
C ARG A 67 0.89 32.66 -9.98
N ALA A 68 1.43 32.02 -8.95
CA ALA A 68 1.15 32.45 -7.58
C ALA A 68 1.83 33.79 -7.28
N GLN A 69 3.06 33.97 -7.78
CA GLN A 69 3.75 35.24 -7.68
C GLN A 69 2.98 36.34 -8.41
N ALA A 70 2.34 36.01 -9.53
CA ALA A 70 1.55 37.01 -10.22
C ALA A 70 0.29 37.34 -9.42
N ARG A 71 -0.31 36.32 -8.82
CA ARG A 71 -1.52 36.52 -8.03
C ARG A 71 -1.26 37.39 -6.79
N THR A 72 -0.03 37.38 -6.29
CA THR A 72 0.28 38.20 -5.12
C THR A 72 0.93 39.53 -5.49
N GLY A 73 1.17 39.79 -6.77
CA GLY A 73 1.60 41.08 -7.26
C GLY A 73 3.07 41.21 -7.59
N PHE A 74 3.84 40.14 -7.54
CA PHE A 74 5.28 40.25 -7.73
C PHE A 74 5.72 40.20 -9.19
N LEU A 75 4.82 39.93 -10.12
CA LEU A 75 5.18 39.88 -11.54
C LEU A 75 3.90 39.94 -12.36
N PRO A 76 4.01 40.18 -13.68
CA PRO A 76 2.79 40.40 -14.49
C PRO A 76 2.06 39.11 -14.83
N ALA A 77 0.73 39.19 -14.84
CA ALA A 77 -0.10 38.01 -15.09
C ALA A 77 0.17 37.42 -16.47
N ALA A 78 0.48 38.28 -17.45
CA ALA A 78 0.74 37.80 -18.79
C ALA A 78 2.03 36.99 -18.84
N ALA A 79 3.06 37.42 -18.11
CA ALA A 79 4.28 36.63 -18.06
C ALA A 79 4.00 35.24 -17.48
N ALA A 80 3.10 35.17 -16.49
CA ALA A 80 2.72 33.87 -15.92
C ALA A 80 1.99 33.01 -16.93
N GLU A 81 1.10 33.60 -17.73
CA GLU A 81 0.39 32.83 -18.75
C GLU A 81 1.37 32.29 -19.81
N ALA A 82 2.34 33.12 -20.21
CA ALA A 82 3.34 32.67 -21.19
C ALA A 82 4.20 31.54 -20.63
N ILE A 83 4.63 31.66 -19.38
CA ILE A 83 5.45 30.60 -18.80
C ILE A 83 4.64 29.33 -18.68
N THR A 84 3.39 29.44 -18.22
CA THR A 84 2.49 28.30 -18.13
C THR A 84 2.36 27.60 -19.46
N ALA A 85 2.17 28.38 -20.54
CA ALA A 85 1.98 27.79 -21.85
C ALA A 85 3.24 27.07 -22.32
N ALA A 86 4.42 27.62 -22.04
CA ALA A 86 5.66 26.97 -22.44
C ALA A 86 6.06 25.80 -21.54
N ALA A 87 5.43 25.63 -20.38
CA ALA A 87 5.91 24.68 -19.37
C ALA A 87 5.35 23.29 -19.66
N ARG A 88 5.79 22.73 -20.79
CA ARG A 88 5.32 21.45 -21.31
C ARG A 88 6.50 20.53 -21.56
N ALA A 89 6.40 19.28 -21.10
CA ALA A 89 7.52 18.36 -21.24
C ALA A 89 7.95 18.19 -22.70
N ASP A 90 7.03 18.35 -23.66
CA ASP A 90 7.42 18.23 -25.06
C ASP A 90 8.17 19.45 -25.59
N ARG A 91 8.22 20.55 -24.84
CA ARG A 91 9.10 21.65 -25.19
C ARG A 91 10.54 21.40 -24.74
N ILE A 92 10.80 20.34 -23.95
CA ILE A 92 12.06 20.18 -23.25
C ILE A 92 12.76 18.92 -23.72
N ASP A 93 14.09 18.94 -23.73
CA ASP A 93 14.90 17.77 -24.04
C ASP A 93 15.17 16.99 -22.74
N LEU A 94 14.34 15.98 -22.47
CA LEU A 94 14.47 15.17 -21.26
C LEU A 94 15.90 14.65 -21.08
N LEU A 95 16.45 14.01 -22.12
CA LEU A 95 17.76 13.38 -22.02
C LEU A 95 18.86 14.39 -21.70
N ALA A 96 18.78 15.58 -22.31
CA ALA A 96 19.79 16.60 -22.05
C ALA A 96 19.72 17.07 -20.60
N VAL A 97 18.51 17.27 -20.06
CA VAL A 97 18.35 17.72 -18.69
C VAL A 97 18.92 16.68 -17.72
N ALA A 98 18.53 15.42 -17.93
CA ALA A 98 19.00 14.34 -17.07
C ALA A 98 20.52 14.24 -17.12
N ARG A 99 21.10 14.34 -18.31
CA ARG A 99 22.55 14.16 -18.43
C ARG A 99 23.31 15.37 -17.96
N GLY A 100 22.70 16.56 -18.03
CA GLY A 100 23.35 17.76 -17.52
C GLY A 100 23.30 17.88 -16.01
N ALA A 101 22.42 17.11 -15.34
CA ALA A 101 22.26 17.26 -13.89
C ALA A 101 23.52 16.91 -13.10
N ARG A 102 24.48 16.20 -13.69
CA ARG A 102 25.67 15.82 -12.94
C ARG A 102 26.49 17.02 -12.52
N GLU A 103 26.27 18.16 -13.17
CA GLU A 103 27.07 19.33 -12.85
C GLU A 103 26.65 19.95 -11.53
N THR A 104 25.37 19.90 -11.19
CA THR A 104 24.88 20.45 -9.94
C THR A 104 24.29 19.39 -9.01
N ALA A 105 24.29 18.12 -9.43
CA ALA A 105 23.71 16.99 -8.70
C ALA A 105 22.19 17.04 -8.65
N ASN A 106 21.54 17.85 -9.48
CA ASN A 106 20.08 17.81 -9.61
C ASN A 106 19.70 18.39 -10.97
N PRO A 107 18.50 18.09 -11.46
CA PRO A 107 18.13 18.46 -12.84
C PRO A 107 17.51 19.85 -12.99
N VAL A 108 17.34 20.60 -11.92
CA VAL A 108 16.52 21.81 -12.00
C VAL A 108 17.25 22.96 -12.71
N VAL A 109 18.57 23.05 -12.60
CA VAL A 109 19.26 24.14 -13.29
C VAL A 109 19.13 23.98 -14.80
N GLY A 110 19.33 22.77 -15.31
CA GLY A 110 19.14 22.52 -16.73
C GLY A 110 17.70 22.69 -17.16
N LEU A 111 16.77 22.19 -16.36
CA LEU A 111 15.35 22.39 -16.66
C LEU A 111 15.03 23.87 -16.79
N VAL A 112 15.51 24.68 -15.85
CA VAL A 112 15.23 26.12 -15.85
C VAL A 112 15.83 26.77 -17.09
N ALA A 113 17.05 26.38 -17.46
CA ALA A 113 17.63 26.95 -18.67
C ALA A 113 16.80 26.59 -19.90
N ALA A 114 16.31 25.35 -19.98
CA ALA A 114 15.54 24.92 -21.14
C ALA A 114 14.17 25.62 -21.18
N LEU A 115 13.49 25.71 -20.04
CA LEU A 115 12.22 26.43 -20.00
C LEU A 115 12.41 27.90 -20.32
N THR A 116 13.53 28.48 -19.88
CA THR A 116 13.77 29.90 -20.13
C THR A 116 13.98 30.15 -21.60
N ALA A 117 14.77 29.30 -22.26
CA ALA A 117 14.90 29.41 -23.71
C ALA A 117 13.56 29.22 -24.40
N ALA A 118 12.78 28.23 -23.97
CA ALA A 118 11.50 27.99 -24.62
C ALA A 118 10.55 29.17 -24.47
N VAL A 119 10.51 29.80 -23.30
CA VAL A 119 9.70 30.99 -23.12
C VAL A 119 10.25 32.14 -23.97
N ARG A 120 11.59 32.28 -24.01
CA ARG A 120 12.22 33.38 -24.71
C ARG A 120 11.92 33.34 -26.20
N ARG A 121 11.82 32.13 -26.78
CA ARG A 121 11.48 32.00 -28.19
C ARG A 121 10.20 32.74 -28.54
N ASP A 122 9.18 32.66 -27.67
CA ASP A 122 7.88 33.24 -27.94
C ASP A 122 7.64 34.58 -27.25
N ASP A 123 8.37 34.88 -26.17
CA ASP A 123 8.05 36.01 -25.31
C ASP A 123 9.30 36.42 -24.53
N PRO A 124 10.18 37.26 -25.11
CA PRO A 124 11.43 37.57 -24.41
C PRO A 124 11.23 38.30 -23.09
N ALA A 125 10.15 39.06 -22.94
CA ALA A 125 9.89 39.71 -21.66
C ALA A 125 9.54 38.72 -20.56
N ALA A 126 8.84 37.63 -20.90
CA ALA A 126 8.38 36.72 -19.86
C ALA A 126 9.53 35.90 -19.29
N ALA A 127 10.61 35.71 -20.06
CA ALA A 127 11.67 34.78 -19.68
C ALA A 127 12.45 35.24 -18.46
N GLU A 128 12.48 36.55 -18.18
CA GLU A 128 13.14 37.06 -16.99
C GLU A 128 12.45 36.64 -15.71
N TYR A 129 11.22 36.13 -15.77
CA TYR A 129 10.50 35.72 -14.59
C TYR A 129 10.45 34.21 -14.40
N VAL A 130 11.09 33.44 -15.27
CA VAL A 130 11.18 32.00 -15.06
C VAL A 130 12.06 31.73 -13.84
N HIS A 131 11.52 30.99 -12.87
CA HIS A 131 12.28 30.56 -11.69
C HIS A 131 12.69 31.78 -10.85
N ARG A 132 11.78 32.72 -10.68
CA ARG A 132 12.09 33.99 -10.01
C ARG A 132 12.19 33.76 -8.51
N GLY A 133 13.35 34.09 -7.94
CA GLY A 133 13.59 33.97 -6.51
C GLY A 133 13.67 32.56 -5.97
N SER A 134 13.66 31.56 -6.85
CA SER A 134 13.49 30.17 -6.46
C SER A 134 14.83 29.45 -6.33
N THR A 135 14.74 28.17 -5.98
CA THR A 135 15.90 27.30 -5.74
C THR A 135 15.53 25.91 -6.22
N SER A 136 16.56 25.10 -6.52
CA SER A 136 16.32 23.78 -7.10
C SER A 136 15.36 22.95 -6.25
N GLN A 137 15.51 22.99 -4.92
CA GLN A 137 14.79 22.05 -4.08
C GLN A 137 13.31 22.40 -3.99
N ASP A 138 12.95 23.68 -4.04
CA ASP A 138 11.51 23.99 -4.04
C ASP A 138 10.83 23.34 -5.23
N VAL A 139 11.46 23.42 -6.40
CA VAL A 139 10.85 22.89 -7.63
C VAL A 139 10.86 21.38 -7.62
N LEU A 140 12.01 20.77 -7.31
CA LEU A 140 12.08 19.31 -7.35
C LEU A 140 11.18 18.69 -6.29
N ASP A 141 11.20 19.18 -5.04
CA ASP A 141 10.38 18.56 -4.01
C ASP A 141 8.90 18.81 -4.27
N THR A 142 8.55 20.02 -4.73
CA THR A 142 7.14 20.27 -5.08
C THR A 142 6.67 19.32 -6.20
N GLY A 143 7.51 19.14 -7.23
CA GLY A 143 7.18 18.17 -8.25
C GLY A 143 7.07 16.76 -7.71
N ALA A 144 7.93 16.41 -6.76
CA ALA A 144 7.86 15.09 -6.13
C ALA A 144 6.54 14.89 -5.40
N MET A 145 6.06 15.94 -4.73
CA MET A 145 4.78 15.81 -4.04
C MET A 145 3.61 15.82 -5.01
N LEU A 146 3.75 16.49 -6.16
CA LEU A 146 2.72 16.39 -7.21
C LEU A 146 2.63 14.98 -7.74
N VAL A 147 3.79 14.38 -8.08
CA VAL A 147 3.82 13.01 -8.57
C VAL A 147 3.22 12.07 -7.52
N ALA A 148 3.69 12.19 -6.27
CA ALA A 148 3.16 11.36 -5.18
C ALA A 148 1.65 11.53 -5.06
N ARG A 149 1.17 12.76 -5.13
CA ARG A 149 -0.26 13.00 -4.96
C ARG A 149 -1.08 12.30 -6.04
N ARG A 150 -0.63 12.36 -7.29
CA ARG A 150 -1.37 11.74 -8.38
C ARG A 150 -1.29 10.21 -8.31
N ALA A 151 -0.08 9.70 -8.02
CA ALA A 151 0.11 8.27 -7.88
C ALA A 151 -0.68 7.70 -6.71
N LEU A 152 -0.82 8.47 -5.62
CA LEU A 152 -1.59 8.00 -4.48
C LEU A 152 -3.08 8.09 -4.76
N ARG A 153 -3.51 9.02 -5.63
CA ARG A 153 -4.89 8.97 -6.08
C ARG A 153 -5.19 7.63 -6.74
N LEU A 154 -4.29 7.18 -7.64
CA LEU A 154 -4.52 5.89 -8.28
C LEU A 154 -4.45 4.73 -7.29
N ILE A 155 -3.42 4.70 -6.42
CA ILE A 155 -3.27 3.62 -5.46
C ILE A 155 -4.50 3.53 -4.57
N GLY A 156 -5.02 4.68 -4.15
CA GLY A 156 -6.18 4.66 -3.27
C GLY A 156 -7.44 4.15 -3.97
N ASP A 157 -7.65 4.58 -5.22
CA ASP A 157 -8.83 4.08 -5.94
C ASP A 157 -8.76 2.57 -6.14
N ASP A 158 -7.56 2.05 -6.45
CA ASP A 158 -7.42 0.61 -6.59
C ASP A 158 -7.65 -0.10 -5.26
N LEU A 159 -7.08 0.42 -4.17
CA LEU A 159 -7.33 -0.19 -2.86
C LEU A 159 -8.81 -0.19 -2.52
N ASP A 160 -9.55 0.83 -2.94
CA ASP A 160 -10.99 0.84 -2.72
C ASP A 160 -11.68 -0.27 -3.49
N ARG A 161 -11.30 -0.48 -4.76
CA ARG A 161 -11.89 -1.58 -5.52
C ARG A 161 -11.59 -2.93 -4.89
N ALA A 162 -10.32 -3.17 -4.55
CA ALA A 162 -9.94 -4.40 -3.84
C ALA A 162 -10.78 -4.60 -2.58
N ALA A 163 -10.97 -3.52 -1.80
CA ALA A 163 -11.77 -3.60 -0.59
C ALA A 163 -13.23 -3.96 -0.89
N ASP A 164 -13.78 -3.45 -2.00
CA ASP A 164 -15.14 -3.85 -2.40
C ASP A 164 -15.22 -5.35 -2.66
N ALA A 165 -14.26 -5.88 -3.42
CA ALA A 165 -14.33 -7.32 -3.72
C ALA A 165 -14.11 -8.15 -2.47
N LEU A 166 -13.26 -7.67 -1.56
CA LEU A 166 -12.99 -8.41 -0.33
C LEU A 166 -14.20 -8.41 0.60
N ALA A 167 -14.89 -7.27 0.73
CA ALA A 167 -16.10 -7.22 1.54
C ALA A 167 -17.17 -8.14 0.99
N ALA A 168 -17.23 -8.27 -0.35
CA ALA A 168 -18.16 -9.21 -0.96
C ALA A 168 -17.78 -10.65 -0.63
N LEU A 169 -16.50 -11.00 -0.77
CA LEU A 169 -16.06 -12.33 -0.36
C LEU A 169 -16.35 -12.58 1.12
N ALA A 170 -16.19 -11.56 1.96
CA ALA A 170 -16.40 -11.75 3.39
C ALA A 170 -17.86 -12.02 3.70
N ALA A 171 -18.77 -11.26 3.08
CA ALA A 171 -20.19 -11.50 3.29
C ALA A 171 -20.60 -12.87 2.74
N ASP A 172 -20.14 -13.25 1.54
CA ASP A 172 -20.58 -14.48 0.90
C ASP A 172 -20.15 -15.72 1.67
N HIS A 173 -18.98 -15.66 2.29
CA HIS A 173 -18.41 -16.84 2.93
C HIS A 173 -18.41 -16.72 4.45
N ARG A 174 -19.27 -15.86 4.99
CA ARG A 174 -19.43 -15.75 6.44
C ARG A 174 -19.58 -17.12 7.09
N ASP A 175 -20.26 -18.05 6.42
CA ASP A 175 -20.55 -19.37 6.97
C ASP A 175 -19.82 -20.49 6.22
N THR A 176 -18.74 -20.19 5.51
CA THR A 176 -17.98 -21.21 4.80
C THR A 176 -16.89 -21.75 5.71
N PRO A 177 -17.03 -22.95 6.27
CA PRO A 177 -16.02 -23.44 7.22
C PRO A 177 -14.75 -23.90 6.53
N MET A 178 -13.63 -23.78 7.26
CA MET A 178 -12.31 -24.17 6.77
C MET A 178 -11.38 -24.38 7.95
N ALA A 179 -10.29 -25.09 7.71
CA ALA A 179 -9.29 -25.30 8.76
C ALA A 179 -8.54 -24.00 9.08
N GLY A 180 -8.62 -23.55 10.33
CA GLY A 180 -7.67 -22.55 10.80
C GLY A 180 -6.31 -23.20 10.99
N ARG A 181 -5.27 -22.50 10.51
CA ARG A 181 -3.92 -23.04 10.47
C ARG A 181 -2.99 -22.11 11.24
N THR A 182 -2.25 -22.67 12.20
CA THR A 182 -1.31 -21.92 13.02
C THR A 182 0.00 -22.70 13.03
N LEU A 183 1.12 -21.99 12.85
CA LEU A 183 2.43 -22.64 12.76
C LEU A 183 2.38 -23.84 11.79
N ALA A 184 1.69 -23.64 10.67
CA ALA A 184 1.63 -24.57 9.54
C ALA A 184 0.76 -25.81 9.76
N LEU A 185 0.04 -25.92 10.88
CA LEU A 185 -0.79 -27.10 11.13
C LEU A 185 -2.23 -26.72 11.45
N HIS A 186 -3.14 -27.66 11.18
CA HIS A 186 -4.54 -27.48 11.53
C HIS A 186 -4.68 -27.24 13.04
N ALA A 187 -5.49 -26.25 13.41
CA ALA A 187 -5.62 -25.88 14.82
C ALA A 187 -7.06 -26.06 15.28
N VAL A 188 -7.93 -25.12 14.93
CA VAL A 188 -9.38 -25.28 15.11
C VAL A 188 -10.07 -24.76 13.85
N PRO A 189 -11.34 -25.06 13.62
CA PRO A 189 -12.00 -24.54 12.42
C PRO A 189 -12.29 -23.05 12.53
N THR A 190 -12.30 -22.40 11.37
CA THR A 190 -12.68 -21.01 11.24
C THR A 190 -13.52 -20.89 9.96
N THR A 191 -13.76 -19.68 9.49
CA THR A 191 -14.48 -19.53 8.24
C THR A 191 -13.65 -18.70 7.27
N PHE A 192 -13.83 -18.98 5.97
CA PHE A 192 -13.17 -18.16 4.98
C PHE A 192 -13.68 -16.74 5.01
N GLY A 193 -14.94 -16.54 5.42
CA GLY A 193 -15.44 -15.18 5.58
C GLY A 193 -14.62 -14.38 6.57
N LEU A 194 -14.24 -14.99 7.70
CA LEU A 194 -13.42 -14.31 8.70
C LEU A 194 -12.04 -13.97 8.16
N LYS A 195 -11.40 -14.94 7.49
CA LYS A 195 -10.12 -14.69 6.82
C LYS A 195 -10.22 -13.52 5.85
N ALA A 196 -11.19 -13.57 4.94
CA ALA A 196 -11.36 -12.50 3.98
C ALA A 196 -11.63 -11.17 4.68
N ALA A 197 -12.30 -11.20 5.84
CA ALA A 197 -12.57 -9.96 6.54
C ALA A 197 -11.29 -9.39 7.15
N GLY A 198 -10.31 -10.23 7.47
CA GLY A 198 -9.02 -9.72 7.86
C GLY A 198 -8.30 -9.07 6.71
N TRP A 199 -8.32 -9.74 5.54
CA TRP A 199 -7.83 -9.11 4.31
C TRP A 199 -8.47 -7.73 4.11
N LEU A 200 -9.80 -7.68 4.21
CA LEU A 200 -10.52 -6.42 4.05
C LEU A 200 -10.04 -5.39 5.06
N GLU A 201 -9.84 -5.80 6.31
CA GLU A 201 -9.39 -4.86 7.34
C GLU A 201 -8.05 -4.24 6.97
N LEU A 202 -7.11 -5.05 6.47
CA LEU A 202 -5.81 -4.50 6.09
C LEU A 202 -5.95 -3.53 4.92
N VAL A 203 -6.65 -3.93 3.85
CA VAL A 203 -6.76 -3.09 2.67
C VAL A 203 -7.49 -1.78 2.98
N SER A 204 -8.54 -1.86 3.80
CA SER A 204 -9.28 -0.65 4.19
C SER A 204 -8.42 0.29 5.01
N GLU A 205 -7.62 -0.25 5.93
CA GLU A 205 -6.70 0.59 6.68
C GLU A 205 -5.73 1.29 5.73
N ALA A 206 -5.14 0.53 4.80
CA ALA A 206 -4.21 1.12 3.84
C ALA A 206 -4.87 2.21 3.00
N ALA A 207 -6.08 1.96 2.49
CA ALA A 207 -6.74 2.95 1.64
C ALA A 207 -7.03 4.23 2.42
N GLY A 208 -7.41 4.10 3.69
CA GLY A 208 -7.60 5.30 4.50
C GLY A 208 -6.33 6.09 4.70
N ARG A 209 -5.22 5.40 4.98
CA ARG A 209 -3.95 6.10 5.18
C ARG A 209 -3.46 6.75 3.89
N VAL A 210 -3.65 6.07 2.75
CA VAL A 210 -3.26 6.65 1.48
C VAL A 210 -4.05 7.92 1.21
N ALA A 211 -5.36 7.89 1.49
CA ALA A 211 -6.16 9.09 1.23
C ALA A 211 -5.72 10.26 2.12
N ARG A 212 -5.51 10.00 3.42
CA ARG A 212 -5.13 11.10 4.32
C ARG A 212 -3.76 11.67 3.99
N LEU A 213 -2.78 10.79 3.74
CA LEU A 213 -1.47 11.25 3.31
C LEU A 213 -1.57 12.09 2.06
N ARG A 214 -2.36 11.63 1.08
CA ARG A 214 -2.55 12.40 -0.14
C ARG A 214 -3.08 13.80 0.16
N ASP A 215 -4.06 13.90 1.05
CA ASP A 215 -4.61 15.20 1.40
C ASP A 215 -3.63 16.06 2.18
N GLY A 216 -2.54 15.48 2.69
CA GLY A 216 -1.61 16.26 3.50
C GLY A 216 -0.26 16.58 2.87
N LEU A 217 0.00 16.15 1.65
CA LEU A 217 1.31 16.41 1.06
C LEU A 217 1.47 17.91 0.81
N PRO A 218 2.57 18.55 1.24
CA PRO A 218 2.71 20.01 1.09
C PRO A 218 3.57 20.41 -0.09
N PHE A 219 3.44 21.66 -0.55
CA PHE A 219 4.44 22.18 -1.48
C PHE A 219 5.72 22.53 -0.73
N SER A 220 6.80 22.74 -1.50
CA SER A 220 8.08 23.17 -0.96
C SER A 220 8.35 24.59 -1.45
N LEU A 221 8.40 25.55 -0.53
CA LEU A 221 8.71 26.94 -0.88
C LEU A 221 9.61 27.51 0.23
N GLY A 222 10.91 27.38 0.05
CA GLY A 222 11.85 27.78 1.08
C GLY A 222 12.88 28.79 0.62
N GLY A 223 13.21 28.78 -0.67
CA GLY A 223 14.34 29.54 -1.16
C GLY A 223 15.67 28.89 -0.82
N ALA A 224 16.74 29.59 -1.21
CA ALA A 224 18.11 29.09 -1.14
C ALA A 224 18.44 28.31 0.14
N ALA A 225 18.07 28.83 1.30
CA ALA A 225 18.33 28.12 2.55
C ALA A 225 17.19 28.30 3.53
N GLY A 226 15.95 28.36 3.03
CA GLY A 226 14.77 28.28 3.88
C GLY A 226 14.27 29.58 4.45
N THR A 227 14.80 30.71 4.00
CA THR A 227 14.32 32.00 4.49
C THR A 227 13.37 32.70 3.54
N LEU A 228 13.23 32.18 2.31
CA LEU A 228 12.40 32.80 1.26
C LEU A 228 12.87 34.21 0.92
N ALA A 229 14.18 34.46 1.00
CA ALA A 229 14.70 35.81 0.76
C ALA A 229 14.53 36.23 -0.69
N GLY A 230 14.75 35.32 -1.63
CA GLY A 230 14.60 35.67 -3.04
C GLY A 230 13.18 35.91 -3.49
N TYR A 231 12.20 35.36 -2.78
CA TYR A 231 10.81 35.56 -3.16
C TYR A 231 10.27 36.93 -2.75
N PHE A 232 10.98 37.63 -1.88
CA PHE A 232 10.55 38.92 -1.38
C PHE A 232 11.62 39.97 -1.60
N ASP A 240 4.51 44.40 6.67
CA ASP A 240 4.60 43.24 7.54
C ASP A 240 5.08 42.02 6.77
N PRO A 241 6.23 41.46 7.16
CA PRO A 241 6.69 40.22 6.53
C PRO A 241 5.68 39.08 6.68
N ALA A 242 4.93 39.06 7.78
CA ALA A 242 3.92 38.03 7.99
C ALA A 242 2.83 38.09 6.93
N VAL A 243 2.44 39.31 6.53
CA VAL A 243 1.36 39.49 5.57
C VAL A 243 1.78 38.92 4.21
N LEU A 244 2.95 39.33 3.73
CA LEU A 244 3.41 38.84 2.43
C LEU A 244 3.67 37.33 2.46
N LEU A 245 4.25 36.82 3.55
CA LEU A 245 4.41 35.37 3.68
C LEU A 245 3.07 34.67 3.53
N ASP A 246 2.08 35.08 4.33
CA ASP A 246 0.77 34.43 4.29
C ASP A 246 0.15 34.49 2.89
N ARG A 247 0.21 35.64 2.23
CA ARG A 247 -0.41 35.77 0.91
C ARG A 247 0.26 34.86 -0.10
N LEU A 248 1.60 34.85 -0.13
CA LEU A 248 2.31 34.01 -1.08
C LEU A 248 2.07 32.52 -0.79
N LEU A 249 2.10 32.13 0.50
CA LEU A 249 1.90 30.73 0.82
C LEU A 249 0.48 30.27 0.45
N ASP A 250 -0.52 31.13 0.66
CA ASP A 250 -1.88 30.78 0.27
C ASP A 250 -1.98 30.66 -1.26
N ALA A 251 -1.35 31.58 -1.98
CA ALA A 251 -1.42 31.53 -3.43
C ALA A 251 -0.74 30.28 -3.97
N TYR A 252 0.41 29.91 -3.42
CA TYR A 252 1.10 28.74 -3.94
C TYR A 252 0.32 27.47 -3.59
N ALA A 253 -0.33 27.45 -2.42
CA ALA A 253 -1.23 26.34 -2.13
C ALA A 253 -2.35 26.26 -3.17
N ALA A 254 -2.96 27.39 -3.52
CA ALA A 254 -4.04 27.38 -4.51
C ALA A 254 -3.53 26.91 -5.87
N GLU A 255 -2.38 27.41 -6.32
CA GLU A 255 -1.90 27.07 -7.65
C GLU A 255 -1.47 25.61 -7.74
N THR A 256 -0.90 25.04 -6.66
CA THR A 256 -0.44 23.66 -6.72
C THR A 256 -1.49 22.63 -6.31
N GLY A 257 -2.50 23.04 -5.53
CA GLY A 257 -3.38 22.06 -4.93
C GLY A 257 -2.79 21.31 -3.76
N LEU A 258 -1.53 21.58 -3.42
CA LEU A 258 -0.86 20.93 -2.29
C LEU A 258 -1.10 21.70 -1.00
N ALA A 259 -0.76 21.07 0.11
CA ALA A 259 -0.97 21.66 1.42
C ALA A 259 0.08 22.72 1.74
N ARG A 260 -0.31 23.66 2.59
CA ARG A 260 0.63 24.67 3.07
C ARG A 260 1.30 24.17 4.34
N PRO A 261 2.62 24.06 4.38
CA PRO A 261 3.31 23.59 5.58
C PRO A 261 3.61 24.74 6.53
N VAL A 262 3.75 24.41 7.82
CA VAL A 262 4.05 25.44 8.80
C VAL A 262 5.44 26.02 8.57
N LEU A 263 6.37 25.22 8.07
CA LEU A 263 7.76 25.63 7.91
C LEU A 263 8.34 25.03 6.63
N PRO A 264 9.26 25.74 5.97
CA PRO A 264 10.00 25.09 4.87
C PRO A 264 10.69 23.83 5.37
N TRP A 265 10.61 22.76 4.57
CA TRP A 265 10.96 21.42 5.05
C TRP A 265 12.08 20.79 4.22
N HIS A 266 12.97 21.62 3.66
CA HIS A 266 14.14 21.14 2.94
C HIS A 266 14.96 20.12 3.72
N VAL A 267 14.97 20.21 5.07
CA VAL A 267 15.69 19.25 5.91
C VAL A 267 14.76 18.69 6.99
N LEU A 268 13.45 18.89 6.83
CA LEU A 268 12.44 18.33 7.74
C LEU A 268 11.61 17.34 6.92
N ARG A 269 12.16 16.15 6.75
CA ARG A 269 11.71 15.23 5.69
C ARG A 269 10.49 14.41 6.10
N THR A 270 9.58 15.00 6.88
CA THR A 270 8.39 14.27 7.30
C THR A 270 7.53 13.77 6.15
N PRO A 271 7.25 14.52 5.07
CA PRO A 271 6.44 13.94 3.98
C PRO A 271 7.04 12.69 3.36
N VAL A 272 8.36 12.67 3.19
CA VAL A 272 9.03 11.51 2.59
C VAL A 272 8.96 10.31 3.53
N ALA A 273 9.21 10.51 4.83
CA ALA A 273 9.08 9.42 5.78
C ALA A 273 7.65 8.90 5.81
N ASP A 274 6.66 9.80 5.67
CA ASP A 274 5.27 9.36 5.70
C ASP A 274 4.92 8.55 4.46
N LEU A 275 5.41 8.98 3.30
CA LEU A 275 5.20 8.18 2.09
C LEU A 275 5.85 6.82 2.27
N ALA A 276 7.08 6.78 2.76
CA ALA A 276 7.75 5.52 3.00
C ALA A 276 6.93 4.61 3.91
N ALA A 277 6.42 5.14 5.02
CA ALA A 277 5.65 4.33 5.96
C ALA A 277 4.37 3.80 5.33
N VAL A 278 3.62 4.68 4.65
CA VAL A 278 2.33 4.28 4.09
C VAL A 278 2.50 3.28 2.96
N LEU A 279 3.51 3.47 2.11
CA LEU A 279 3.69 2.52 1.01
C LEU A 279 4.21 1.18 1.49
N ALA A 280 5.10 1.16 2.50
CA ALA A 280 5.55 -0.12 3.03
C ALA A 280 4.43 -0.85 3.77
N PHE A 281 3.60 -0.11 4.52
CA PHE A 281 2.42 -0.73 5.12
C PHE A 281 1.52 -1.34 4.04
N THR A 282 1.23 -0.57 2.98
CA THR A 282 0.37 -1.06 1.92
C THR A 282 0.93 -2.31 1.27
N ALA A 283 2.21 -2.28 0.89
CA ALA A 283 2.83 -3.44 0.24
C ALA A 283 2.85 -4.64 1.16
N GLY A 284 3.07 -4.42 2.47
CA GLY A 284 3.07 -5.55 3.39
C GLY A 284 1.69 -6.15 3.58
N ALA A 285 0.65 -5.31 3.63
CA ALA A 285 -0.71 -5.82 3.76
C ALA A 285 -1.09 -6.67 2.55
N LEU A 286 -0.83 -6.13 1.35
CA LEU A 286 -1.09 -6.92 0.14
C LEU A 286 -0.25 -8.20 0.14
N GLY A 287 0.99 -8.12 0.63
CA GLY A 287 1.80 -9.32 0.78
C GLY A 287 1.18 -10.35 1.71
N LYS A 288 0.47 -9.89 2.74
CA LYS A 288 -0.25 -10.82 3.60
C LYS A 288 -1.29 -11.60 2.81
N ILE A 289 -2.13 -10.87 2.07
CA ILE A 289 -3.10 -11.54 1.22
C ILE A 289 -2.40 -12.51 0.27
N ALA A 290 -1.25 -12.12 -0.28
CA ALA A 290 -0.59 -12.95 -1.28
C ALA A 290 -0.11 -14.27 -0.69
N VAL A 291 0.52 -14.24 0.49
CA VAL A 291 1.03 -15.48 1.06
C VAL A 291 -0.11 -16.35 1.56
N ASP A 292 -1.22 -15.75 2.01
CA ASP A 292 -2.39 -16.56 2.35
C ASP A 292 -2.93 -17.30 1.12
N VAL A 293 -3.06 -16.56 0.00
CA VAL A 293 -3.52 -17.17 -1.24
C VAL A 293 -2.59 -18.30 -1.65
N GLN A 294 -1.28 -18.11 -1.52
CA GLN A 294 -0.35 -19.16 -1.91
C GLN A 294 -0.49 -20.39 -1.01
N SER A 295 -0.70 -20.18 0.29
CA SER A 295 -0.93 -21.30 1.19
C SER A 295 -2.22 -22.06 0.81
N LEU A 296 -3.28 -21.34 0.45
CA LEU A 296 -4.53 -22.00 0.11
C LEU A 296 -4.51 -22.64 -1.28
N ALA A 297 -3.68 -22.12 -2.19
CA ALA A 297 -3.69 -22.50 -3.60
C ALA A 297 -2.72 -23.62 -3.92
N ARG A 298 -1.82 -23.98 -3.01
CA ARG A 298 -0.85 -25.02 -3.34
C ARG A 298 -1.55 -26.35 -3.63
N THR A 299 -0.80 -27.24 -4.31
CA THR A 299 -1.37 -28.45 -4.87
C THR A 299 -2.14 -29.27 -3.84
N GLU A 300 -1.54 -29.51 -2.67
CA GLU A 300 -2.18 -30.45 -1.78
C GLU A 300 -3.16 -29.77 -0.81
N VAL A 301 -3.44 -28.48 -1.00
CA VAL A 301 -4.51 -27.78 -0.30
C VAL A 301 -5.68 -27.46 -1.24
N ALA A 302 -5.43 -26.63 -2.26
CA ALA A 302 -6.36 -26.38 -3.37
C ALA A 302 -7.71 -25.87 -2.87
N GLU A 303 -7.69 -24.95 -1.93
CA GLU A 303 -8.93 -24.40 -1.40
C GLU A 303 -9.35 -23.13 -2.10
N VAL A 304 -8.41 -22.42 -2.72
CA VAL A 304 -8.72 -21.31 -3.60
C VAL A 304 -7.87 -21.48 -4.85
N ALA A 305 -8.29 -20.80 -5.91
CA ALA A 305 -7.49 -20.71 -7.12
C ALA A 305 -7.55 -19.28 -7.62
N GLU A 306 -6.44 -18.83 -8.21
CA GLU A 306 -6.40 -17.53 -8.87
C GLU A 306 -7.21 -17.59 -10.17
N PRO A 307 -7.78 -16.45 -10.61
CA PRO A 307 -8.51 -16.35 -11.89
C PRO A 307 -7.71 -16.82 -13.09
N ARG A 322 -1.22 -23.66 -14.15
CA ARG A 322 -2.10 -22.71 -13.46
C ARG A 322 -1.44 -22.05 -12.23
N ASN A 323 -0.17 -21.63 -12.40
CA ASN A 323 0.60 -21.06 -11.29
C ASN A 323 -0.11 -19.84 -10.70
N PRO A 324 -0.01 -19.64 -9.38
CA PRO A 324 -0.59 -18.42 -8.76
C PRO A 324 0.26 -17.16 -8.99
N VAL A 325 0.17 -16.62 -10.21
CA VAL A 325 1.09 -15.56 -10.64
C VAL A 325 0.74 -14.20 -10.06
N LEU A 326 -0.54 -13.91 -9.83
CA LEU A 326 -0.90 -12.61 -9.27
C LEU A 326 -0.35 -12.47 -7.85
N SER A 327 -0.56 -13.48 -7.01
CA SER A 327 0.00 -13.41 -5.67
C SER A 327 1.53 -13.44 -5.72
N THR A 328 2.11 -14.11 -6.70
CA THR A 328 3.57 -14.08 -6.86
C THR A 328 4.05 -12.65 -7.13
N LEU A 329 3.30 -11.89 -7.93
CA LEU A 329 3.69 -10.53 -8.25
C LEU A 329 3.52 -9.60 -7.05
N ILE A 330 2.38 -9.70 -6.37
CA ILE A 330 2.16 -8.93 -5.15
C ILE A 330 3.27 -9.22 -4.14
N ARG A 331 3.55 -10.50 -3.92
CA ARG A 331 4.62 -10.87 -3.00
C ARG A 331 5.95 -10.27 -3.44
N SER A 332 6.19 -10.22 -4.75
CA SER A 332 7.46 -9.69 -5.24
C SER A 332 7.62 -8.24 -4.84
N ALA A 333 6.53 -7.46 -4.89
CA ALA A 333 6.61 -6.07 -4.43
C ALA A 333 6.72 -5.99 -2.90
N ALA A 334 6.05 -6.90 -2.20
CA ALA A 334 6.10 -6.92 -0.75
C ALA A 334 7.51 -7.17 -0.24
N LEU A 335 8.31 -7.93 -0.99
CA LEU A 335 9.70 -8.15 -0.60
C LEU A 335 10.64 -7.02 -1.04
N GLN A 336 10.14 -6.00 -1.70
CA GLN A 336 11.00 -4.93 -2.16
C GLN A 336 10.74 -3.62 -1.43
N VAL A 337 9.48 -3.27 -1.21
CA VAL A 337 9.15 -1.92 -0.77
C VAL A 337 9.68 -1.62 0.63
N PRO A 338 9.55 -2.50 1.62
CA PRO A 338 10.04 -2.12 2.96
C PRO A 338 11.53 -1.80 3.01
N ALA A 339 12.35 -2.52 2.24
CA ALA A 339 13.77 -2.20 2.19
C ALA A 339 14.02 -0.82 1.56
N LEU A 340 13.27 -0.46 0.51
CA LEU A 340 13.40 0.88 -0.04
C LEU A 340 12.94 1.93 0.97
N ALA A 341 11.86 1.62 1.69
CA ALA A 341 11.32 2.48 2.72
C ALA A 341 12.32 2.77 3.82
N THR A 342 13.21 1.81 4.15
CA THR A 342 14.13 2.13 5.24
C THR A 342 15.18 3.16 4.82
N GLY A 343 15.66 3.09 3.57
CA GLY A 343 16.51 4.16 3.06
C GLY A 343 15.80 5.51 3.07
N LEU A 344 14.53 5.51 2.66
CA LEU A 344 13.75 6.74 2.72
C LEU A 344 13.67 7.27 4.14
N THR A 345 13.37 6.38 5.10
CA THR A 345 13.18 6.79 6.48
C THR A 345 14.48 7.33 7.05
N GLN A 346 15.60 6.71 6.68
CA GLN A 346 16.91 7.15 7.17
C GLN A 346 17.26 8.54 6.66
N CYS A 347 16.70 8.92 5.50
CA CYS A 347 16.96 10.28 5.04
C CYS A 347 16.34 11.37 5.92
N LEU A 348 15.58 11.04 6.97
CA LEU A 348 15.24 12.06 7.97
C LEU A 348 16.49 12.70 8.56
N VAL A 349 17.63 12.01 8.51
CA VAL A 349 18.87 12.52 9.06
C VAL A 349 19.51 13.35 7.95
N SER A 350 19.06 14.61 7.85
CA SER A 350 19.41 15.53 6.77
C SER A 350 20.07 16.77 7.35
N GLU A 351 21.37 16.90 7.14
CA GLU A 351 22.16 17.88 7.88
C GLU A 351 22.13 19.29 7.25
N ASP A 352 22.27 20.29 8.13
CA ASP A 352 22.34 21.70 7.79
C ASP A 352 21.03 22.19 7.20
N GLU A 353 21.10 23.09 6.21
CA GLU A 353 19.91 23.60 5.55
C GLU A 353 19.62 22.86 4.24
N ARG A 354 20.54 22.00 3.78
CA ARG A 354 20.30 21.11 2.64
C ARG A 354 21.39 20.05 2.67
N SER A 355 21.00 18.78 2.72
CA SER A 355 21.99 17.71 2.87
C SER A 355 22.81 17.52 1.60
N ALA A 356 24.09 17.21 1.78
CA ALA A 356 24.97 16.89 0.66
C ALA A 356 24.89 15.40 0.31
N GLY A 357 23.68 14.94 0.00
CA GLY A 357 23.54 13.55 -0.41
C GLY A 357 22.29 12.86 0.07
N ALA A 358 21.85 13.12 1.30
CA ALA A 358 20.69 12.42 1.83
C ALA A 358 19.40 12.84 1.15
N TRP A 359 19.27 14.11 0.74
CA TRP A 359 18.11 14.49 -0.07
C TRP A 359 18.18 13.84 -1.45
N HIS A 360 19.38 13.79 -2.04
CA HIS A 360 19.57 13.21 -3.36
C HIS A 360 19.27 11.71 -3.37
N ALA A 361 19.40 11.04 -2.21
CA ALA A 361 19.14 9.61 -2.10
C ALA A 361 17.65 9.28 -2.10
N GLU A 362 16.78 10.28 -2.08
CA GLU A 362 15.36 10.03 -1.90
C GLU A 362 14.61 9.78 -3.20
N TRP A 363 15.01 10.41 -4.31
CA TRP A 363 14.13 10.52 -5.46
C TRP A 363 13.85 9.15 -6.07
N GLN A 364 14.91 8.44 -6.47
CA GLN A 364 14.69 7.14 -7.11
C GLN A 364 13.96 6.13 -6.22
N PRO A 365 14.34 5.89 -4.95
CA PRO A 365 13.56 4.90 -4.17
C PRO A 365 12.12 5.33 -3.97
N LEU A 366 11.87 6.63 -3.74
CA LEU A 366 10.48 7.08 -3.61
C LEU A 366 9.69 6.72 -4.87
N ARG A 367 10.21 7.11 -6.04
CA ARG A 367 9.55 6.74 -7.29
C ARG A 367 9.29 5.24 -7.33
N GLU A 368 10.29 4.44 -6.96
CA GLU A 368 10.13 3.00 -7.06
C GLU A 368 9.08 2.49 -6.08
N CYS A 369 9.03 3.06 -4.87
CA CYS A 369 7.99 2.68 -3.94
C CYS A 369 6.62 2.99 -4.52
N LEU A 370 6.49 4.15 -5.17
CA LEU A 370 5.21 4.49 -5.77
C LEU A 370 4.88 3.49 -6.87
N ARG A 371 5.90 3.09 -7.62
CA ARG A 371 5.68 2.26 -8.81
C ARG A 371 5.27 0.84 -8.39
N LEU A 372 6.12 0.20 -7.59
CA LEU A 372 5.86 -1.15 -7.08
C LEU A 372 4.54 -1.24 -6.33
N THR A 373 4.32 -0.35 -5.38
CA THR A 373 3.08 -0.39 -4.64
C THR A 373 1.90 -0.20 -5.58
N GLY A 374 2.06 0.69 -6.57
CA GLY A 374 1.02 0.85 -7.57
C GLY A 374 0.72 -0.45 -8.29
N GLY A 375 1.77 -1.11 -8.78
CA GLY A 375 1.57 -2.38 -9.42
C GLY A 375 0.87 -3.35 -8.51
N ALA A 376 1.33 -3.42 -7.25
CA ALA A 376 0.81 -4.41 -6.34
C ALA A 376 -0.67 -4.19 -6.12
N ALA A 377 -1.06 -2.91 -6.00
CA ALA A 377 -2.48 -2.60 -5.77
C ALA A 377 -3.30 -3.04 -6.97
N ARG A 378 -2.84 -2.68 -8.18
CA ARG A 378 -3.56 -3.08 -9.37
C ARG A 378 -3.68 -4.60 -9.41
N THR A 379 -2.59 -5.29 -9.09
CA THR A 379 -2.62 -6.74 -9.12
C THR A 379 -3.57 -7.27 -8.06
N ALA A 380 -3.58 -6.62 -6.89
CA ALA A 380 -4.46 -7.06 -5.81
C ALA A 380 -5.92 -6.97 -6.25
N VAL A 381 -6.27 -5.92 -6.99
CA VAL A 381 -7.64 -5.82 -7.47
C VAL A 381 -7.98 -7.04 -8.32
N GLU A 382 -7.11 -7.34 -9.31
CA GLU A 382 -7.32 -8.51 -10.13
C GLU A 382 -7.46 -9.76 -9.28
N LEU A 383 -6.67 -9.87 -8.21
CA LEU A 383 -6.73 -11.08 -7.40
C LEU A 383 -8.04 -11.14 -6.64
N ALA A 384 -8.39 -10.05 -5.94
CA ALA A 384 -9.57 -10.13 -5.09
C ALA A 384 -10.84 -10.25 -5.91
N ALA A 385 -10.87 -9.61 -7.08
CA ALA A 385 -12.03 -9.71 -7.95
C ALA A 385 -12.16 -11.12 -8.55
N GLY A 386 -11.05 -11.82 -8.76
CA GLY A 386 -11.13 -13.04 -9.52
C GLY A 386 -10.98 -14.33 -8.74
N LEU A 387 -10.77 -14.24 -7.42
CA LEU A 387 -10.45 -15.41 -6.62
C LEU A 387 -11.55 -16.46 -6.73
N GLU A 388 -11.15 -17.73 -6.87
CA GLU A 388 -12.10 -18.85 -6.93
C GLU A 388 -12.00 -19.65 -5.64
N VAL A 389 -13.06 -19.62 -4.85
CA VAL A 389 -13.10 -20.26 -3.54
C VAL A 389 -13.75 -21.63 -3.68
N ASP A 390 -13.05 -22.69 -3.27
CA ASP A 390 -13.57 -24.06 -3.35
C ASP A 390 -14.05 -24.49 -1.97
N ALA A 391 -15.29 -24.13 -1.64
CA ALA A 391 -15.83 -24.40 -0.31
C ALA A 391 -15.86 -25.90 -0.01
N ALA A 392 -16.20 -26.71 -1.01
CA ALA A 392 -16.29 -28.15 -0.80
C ALA A 392 -14.94 -28.74 -0.44
N ARG A 393 -13.87 -28.25 -1.08
CA ARG A 393 -12.52 -28.71 -0.73
C ARG A 393 -12.10 -28.23 0.65
N MET A 394 -12.56 -27.05 1.07
CA MET A 394 -12.30 -26.61 2.43
C MET A 394 -12.95 -27.56 3.42
N ARG A 395 -14.22 -27.91 3.17
CA ARG A 395 -14.95 -28.83 4.03
C ARG A 395 -14.26 -30.19 4.08
N ALA A 396 -13.86 -30.71 2.92
CA ALA A 396 -13.16 -31.98 2.90
C ALA A 396 -11.86 -31.91 3.69
N ASN A 397 -11.08 -30.83 3.50
CA ASN A 397 -9.78 -30.70 4.20
C ASN A 397 -9.96 -30.62 5.70
N LEU A 398 -11.11 -30.11 6.17
CA LEU A 398 -11.37 -30.12 7.61
C LEU A 398 -11.25 -31.51 8.21
N ASP A 399 -11.48 -32.57 7.45
CA ASP A 399 -11.40 -33.93 7.97
C ASP A 399 -10.00 -34.52 7.93
N LEU A 400 -8.98 -33.75 7.56
CA LEU A 400 -7.67 -34.36 7.33
C LEU A 400 -7.02 -34.87 8.62
N THR A 401 -7.28 -34.23 9.77
CA THR A 401 -6.73 -34.70 11.04
C THR A 401 -7.63 -35.73 11.74
N ASP A 402 -8.60 -36.31 11.04
CA ASP A 402 -9.42 -37.40 11.57
C ASP A 402 -10.07 -37.02 12.90
N GLY A 403 -10.67 -35.83 12.94
CA GLY A 403 -11.37 -35.35 14.12
C GLY A 403 -10.53 -34.57 15.12
N ARG A 404 -9.19 -34.66 15.06
CA ARG A 404 -8.39 -33.98 16.06
C ARG A 404 -8.62 -32.48 16.07
N ILE A 405 -9.01 -31.89 14.93
CA ILE A 405 -9.23 -30.45 14.86
C ILE A 405 -10.44 -29.97 15.66
N VAL A 406 -11.32 -30.87 16.11
CA VAL A 406 -12.40 -30.46 16.99
C VAL A 406 -12.14 -30.84 18.45
N SER A 407 -10.96 -31.37 18.76
CA SER A 407 -10.75 -31.89 20.11
C SER A 407 -10.90 -30.78 21.16
N GLU A 408 -10.41 -29.57 20.86
CA GLU A 408 -10.64 -28.45 21.78
C GLU A 408 -12.12 -28.26 22.03
N SER A 409 -12.94 -28.19 20.98
CA SER A 409 -14.36 -27.99 21.19
C SER A 409 -15.02 -29.19 21.87
N VAL A 410 -14.44 -30.38 21.75
CA VAL A 410 -14.99 -31.50 22.51
C VAL A 410 -14.63 -31.34 23.97
N ALA A 411 -13.40 -30.88 24.26
CA ALA A 411 -12.99 -30.69 25.64
C ALA A 411 -13.92 -29.71 26.35
N VAL A 412 -14.17 -28.57 25.71
CA VAL A 412 -15.12 -27.61 26.26
C VAL A 412 -16.45 -28.29 26.55
N ALA A 413 -16.93 -29.07 25.58
CA ALA A 413 -18.25 -29.67 25.73
C ALA A 413 -18.30 -30.65 26.90
N LEU A 414 -17.17 -31.25 27.25
CA LEU A 414 -17.15 -32.23 28.32
C LEU A 414 -16.87 -31.60 29.68
N THR A 415 -16.60 -30.30 29.72
CA THR A 415 -16.19 -29.65 30.96
C THR A 415 -17.27 -29.67 32.04
N PRO A 416 -18.56 -29.48 31.70
CA PRO A 416 -19.59 -29.62 32.74
C PRO A 416 -19.61 -31.00 33.40
N LEU A 417 -19.26 -32.07 32.68
CA LEU A 417 -19.37 -33.41 33.20
C LEU A 417 -18.06 -34.00 33.70
N LEU A 418 -16.93 -33.39 33.35
CA LEU A 418 -15.63 -33.94 33.74
C LEU A 418 -14.75 -32.97 34.52
N GLY A 419 -14.99 -31.67 34.44
CA GLY A 419 -14.01 -30.68 34.82
C GLY A 419 -13.14 -30.26 33.65
N ARG A 420 -12.55 -29.07 33.76
CA ARG A 420 -11.70 -28.56 32.68
C ARG A 420 -10.41 -29.36 32.57
N GLN A 421 -9.72 -29.59 33.70
CA GLN A 421 -8.43 -30.27 33.66
C GLN A 421 -8.59 -31.70 33.17
N ALA A 422 -9.58 -32.42 33.69
CA ALA A 422 -9.77 -33.80 33.31
C ALA A 422 -10.18 -33.93 31.83
N ALA A 423 -11.02 -33.00 31.35
CA ALA A 423 -11.44 -33.04 29.95
C ALA A 423 -10.27 -32.74 29.01
N LYS A 424 -9.48 -31.72 29.33
CA LYS A 424 -8.31 -31.42 28.50
C LYS A 424 -7.34 -32.61 28.48
N GLU A 425 -7.06 -33.20 29.64
CA GLU A 425 -6.15 -34.35 29.67
C GLU A 425 -6.71 -35.52 28.85
N LEU A 426 -8.00 -35.82 29.02
CA LEU A 426 -8.61 -36.92 28.30
C LEU A 426 -8.55 -36.68 26.79
N LEU A 427 -8.72 -35.43 26.35
CA LEU A 427 -8.75 -35.19 24.91
C LEU A 427 -7.37 -35.16 24.29
N THR A 428 -6.35 -34.67 25.01
CA THR A 428 -5.01 -34.75 24.45
C THR A 428 -4.55 -36.21 24.38
N ARG A 429 -4.89 -37.01 25.41
CA ARG A 429 -4.62 -38.44 25.36
C ARG A 429 -5.30 -39.08 24.15
N ALA A 430 -6.59 -38.81 23.96
CA ALA A 430 -7.30 -39.41 22.83
C ALA A 430 -6.77 -38.93 21.49
N ALA A 431 -6.32 -37.68 21.40
CA ALA A 431 -5.74 -37.19 20.15
C ALA A 431 -4.44 -37.90 19.81
N PHE A 432 -3.56 -38.08 20.81
CA PHE A 432 -2.35 -38.87 20.60
C PHE A 432 -2.67 -40.30 20.18
N THR A 433 -3.52 -40.98 20.95
CA THR A 433 -3.86 -42.37 20.64
C THR A 433 -4.45 -42.50 19.24
N ALA A 434 -5.32 -41.57 18.85
CA ALA A 434 -5.90 -41.63 17.52
C ALA A 434 -4.84 -41.38 16.45
N GLY A 435 -3.91 -40.47 16.72
CA GLY A 435 -2.80 -40.24 15.80
C GLY A 435 -1.98 -41.49 15.56
N HIS A 436 -1.63 -42.22 16.64
CA HIS A 436 -0.84 -43.43 16.48
C HIS A 436 -1.61 -44.52 15.72
N GLU A 437 -2.86 -44.77 16.11
CA GLU A 437 -3.60 -45.88 15.55
C GLU A 437 -4.22 -45.58 14.19
N GLY A 438 -4.00 -44.37 13.65
CA GLY A 438 -4.65 -44.00 12.41
C GLY A 438 -6.16 -44.14 12.46
N ARG A 439 -6.77 -43.84 13.60
CA ARG A 439 -8.21 -43.91 13.77
C ARG A 439 -8.78 -42.52 14.01
N THR A 440 -10.10 -42.41 13.90
CA THR A 440 -10.77 -41.15 14.16
C THR A 440 -10.75 -40.83 15.65
N LEU A 441 -10.72 -39.53 15.96
CA LEU A 441 -10.87 -39.09 17.34
C LEU A 441 -12.09 -39.73 18.00
N GLY A 442 -13.23 -39.72 17.31
CA GLY A 442 -14.43 -40.31 17.88
C GLY A 442 -14.29 -41.81 18.14
N GLU A 443 -13.47 -42.49 17.34
CA GLU A 443 -13.24 -43.91 17.58
C GLU A 443 -12.53 -44.13 18.91
N VAL A 444 -11.45 -43.38 19.16
CA VAL A 444 -10.75 -43.49 20.43
C VAL A 444 -11.62 -43.00 21.58
N LEU A 445 -12.49 -42.02 21.34
CA LEU A 445 -13.37 -41.56 22.41
C LEU A 445 -14.37 -42.64 22.79
N GLY A 446 -14.89 -43.37 21.81
CA GLY A 446 -15.86 -44.42 22.04
C GLY A 446 -15.30 -45.68 22.67
N GLU A 447 -14.03 -45.66 23.08
CA GLU A 447 -13.39 -46.78 23.75
C GLU A 447 -12.92 -46.46 25.16
N LEU A 448 -13.00 -45.21 25.59
CA LEU A 448 -12.59 -44.86 26.95
C LEU A 448 -13.75 -45.14 27.91
N PRO A 449 -13.52 -45.91 28.99
CA PRO A 449 -14.63 -46.19 29.92
C PRO A 449 -15.23 -44.95 30.52
N GLU A 450 -14.40 -43.93 30.78
CA GLU A 450 -14.86 -42.71 31.44
C GLU A 450 -15.92 -41.95 30.64
N LEU A 451 -16.04 -42.20 29.34
CA LEU A 451 -17.01 -41.48 28.53
C LEU A 451 -18.28 -42.27 28.26
N ASP A 452 -18.37 -43.50 28.77
CA ASP A 452 -19.51 -44.36 28.49
C ASP A 452 -20.83 -43.69 28.89
N GLY A 453 -21.72 -43.53 27.92
CA GLY A 453 -23.00 -42.88 28.14
C GLY A 453 -22.94 -41.42 28.53
N VAL A 454 -21.80 -40.74 28.32
CA VAL A 454 -21.68 -39.36 28.78
C VAL A 454 -22.52 -38.39 27.94
N LEU A 455 -22.71 -38.66 26.66
CA LEU A 455 -23.48 -37.76 25.82
C LEU A 455 -24.34 -38.58 24.86
N PRO A 456 -25.54 -38.09 24.54
CA PRO A 456 -26.38 -38.80 23.57
C PRO A 456 -25.73 -38.82 22.20
N LYS A 457 -26.11 -39.83 21.40
CA LYS A 457 -25.48 -40.04 20.09
C LYS A 457 -25.55 -38.80 19.21
N GLU A 458 -26.73 -38.19 19.11
CA GLU A 458 -26.89 -37.04 18.22
C GLU A 458 -25.96 -35.90 18.62
N ARG A 459 -25.84 -35.63 19.93
CA ARG A 459 -24.92 -34.61 20.40
C ARG A 459 -23.48 -34.93 20.02
N TRP A 460 -23.11 -36.21 20.00
CA TRP A 460 -21.78 -36.60 19.54
C TRP A 460 -21.61 -36.32 18.06
N GLU A 461 -22.65 -36.58 17.26
CA GLU A 461 -22.57 -36.30 15.83
C GLU A 461 -22.40 -34.81 15.58
N ALA A 462 -23.10 -33.98 16.35
CA ALA A 462 -22.91 -32.53 16.23
C ALA A 462 -21.50 -32.13 16.67
N LEU A 463 -21.00 -32.74 17.75
CA LEU A 463 -19.73 -32.29 18.32
C LEU A 463 -18.56 -32.60 17.42
N LEU A 464 -18.60 -33.74 16.73
CA LEU A 464 -17.45 -34.17 15.96
C LEU A 464 -17.45 -33.62 14.54
N ASP A 465 -18.48 -32.85 14.18
CA ASP A 465 -18.62 -32.15 12.91
C ASP A 465 -17.76 -30.90 12.90
N PRO A 466 -16.65 -30.90 12.15
CA PRO A 466 -15.78 -29.73 12.12
C PRO A 466 -16.46 -28.45 11.67
N ALA A 467 -17.51 -28.55 10.85
CA ALA A 467 -18.11 -27.34 10.30
C ALA A 467 -18.92 -26.57 11.31
N ARG A 468 -19.15 -27.10 12.51
CA ARG A 468 -19.96 -26.43 13.51
C ARG A 468 -19.16 -25.81 14.64
N ALA A 469 -17.85 -26.00 14.69
CA ALA A 469 -17.05 -25.50 15.80
C ALA A 469 -16.26 -24.25 15.42
N THR A 470 -16.93 -23.24 14.86
CA THR A 470 -16.24 -22.06 14.35
C THR A 470 -16.23 -20.90 15.33
N GLY A 471 -16.56 -21.12 16.60
CA GLY A 471 -16.48 -20.03 17.56
C GLY A 471 -17.50 -18.97 17.23
N VAL A 472 -17.08 -17.70 17.26
CA VAL A 472 -17.97 -16.60 16.89
C VAL A 472 -17.51 -15.94 15.61
N ALA A 473 -16.97 -16.72 14.67
CA ALA A 473 -16.51 -16.17 13.40
C ALA A 473 -17.62 -15.40 12.69
N GLY A 474 -18.86 -15.89 12.77
CA GLY A 474 -19.96 -15.20 12.11
C GLY A 474 -20.19 -13.81 12.66
N ALA A 475 -20.28 -13.71 13.99
CA ALA A 475 -20.45 -12.40 14.63
C ALA A 475 -19.29 -11.47 14.32
N LEU A 476 -18.07 -12.00 14.25
CA LEU A 476 -16.91 -11.16 13.96
C LEU A 476 -16.98 -10.60 12.55
N VAL A 477 -17.42 -11.43 11.59
CA VAL A 477 -17.58 -10.95 10.21
C VAL A 477 -18.67 -9.87 10.15
N ASP A 478 -19.80 -10.12 10.83
CA ASP A 478 -20.86 -9.11 10.87
C ASP A 478 -20.32 -7.78 11.42
N GLY A 479 -19.52 -7.85 12.50
CA GLY A 479 -18.98 -6.63 13.08
C GLY A 479 -18.02 -5.90 12.17
N ALA A 480 -17.14 -6.65 11.49
CA ALA A 480 -16.25 -6.01 10.53
C ALA A 480 -17.01 -5.42 9.36
N LEU A 481 -18.11 -6.05 8.95
CA LEU A 481 -18.79 -5.53 7.76
C LEU A 481 -19.69 -4.36 8.09
N ALA A 482 -20.22 -4.29 9.32
CA ALA A 482 -20.97 -3.12 9.75
C ALA A 482 -20.14 -1.84 9.73
N ARG A 483 -18.80 -1.96 9.77
CA ARG A 483 -17.96 -0.77 9.74
C ARG A 483 -18.05 -0.03 8.41
N ARG A 484 -18.33 -0.73 7.31
CA ARG A 484 -18.52 -0.10 6.01
C ARG A 484 -19.74 0.83 6.03
#